data_6HNI
#
_entry.id   6HNI
#
_cell.length_a   131.107
_cell.length_b   42.351
_cell.length_c   56.175
_cell.angle_alpha   90.00
_cell.angle_beta   94.76
_cell.angle_gamma   90.00
#
_symmetry.space_group_name_H-M   'C 1 2 1'
#
loop_
_entity.id
_entity.type
_entity.pdbx_description
1 polymer 'ABC-type transport system, sugar-family extracellular solute-binding protein'
2 non-polymer TYROSINE
3 non-polymer 1,2-ETHANEDIOL
4 non-polymer DI(HYDROXYETHYL)ETHER
5 water water
#
_entity_poly.entity_id   1
_entity_poly.type   'polypeptide(L)'
_entity_poly.pdbx_seq_one_letter_code
;SMASQGGDSGNSKQESNSKDKEVKKIGITQLVEHPALDATRTGFVKALEKNGFKDGENIDIDFQNAQNDMPTTQSIASKF
ASDKKDLIFAISTPSAQAAFNATKDIPILITAVSDPVAAGLVKTLEKPGTNVSGTSDFVSVDKGLELLKIFAPKAKTIGV
MYNTSEVNSKVQVDALKEYASKNGFKVVEKGITTSNEVNQGISSLVGKIDVLYVPTDNLVASSMPIVSKIATENKIPVIA
AESGPVEKGALACQGINYEKLGYKTGEMAVKILNGESVSDMPVATSDDTDIIVNEDILKALGMEKPSNENISYVKTKQE
;
_entity_poly.pdbx_strand_id   A
#
# COMPACT_ATOMS: atom_id res chain seq x y z
N VAL A 23 27.97 -12.41 10.51
CA VAL A 23 26.49 -12.18 10.67
C VAL A 23 26.11 -10.98 9.78
N LYS A 24 25.12 -11.17 8.89
CA LYS A 24 24.65 -10.10 8.03
C LYS A 24 23.65 -9.26 8.83
N LYS A 25 23.83 -7.94 8.74
CA LYS A 25 22.98 -6.99 9.48
C LYS A 25 21.99 -6.32 8.51
N ILE A 26 20.73 -6.57 8.81
CA ILE A 26 19.63 -6.10 7.97
C ILE A 26 18.89 -5.05 8.79
N GLY A 27 18.65 -3.91 8.16
CA GLY A 27 17.74 -2.87 8.73
C GLY A 27 16.40 -2.91 8.02
N ILE A 28 15.32 -2.96 8.83
CA ILE A 28 13.97 -2.87 8.25
C ILE A 28 13.41 -1.51 8.70
N THR A 29 13.03 -0.75 7.69
CA THR A 29 12.43 0.61 7.94
C THR A 29 11.01 0.57 7.42
N GLN A 30 10.07 0.71 8.36
CA GLN A 30 8.65 0.65 8.05
C GLN A 30 7.98 1.99 8.44
N LEU A 31 7.16 2.54 7.56
CA LEU A 31 6.58 3.88 7.87
C LEU A 31 5.71 3.91 9.14
N VAL A 32 4.82 2.94 9.24
CA VAL A 32 3.78 2.91 10.27
C VAL A 32 3.21 1.48 10.33
N GLU A 33 2.57 1.11 11.43
CA GLU A 33 1.68 -0.06 11.46
C GLU A 33 0.34 0.24 10.78
N HIS A 34 0.16 -0.26 9.57
CA HIS A 34 -1.17 -0.47 8.97
C HIS A 34 -1.13 -1.88 8.33
N PRO A 35 -2.27 -2.53 8.11
CA PRO A 35 -2.21 -3.98 7.85
C PRO A 35 -1.33 -4.41 6.71
N ALA A 36 -1.35 -3.71 5.63
CA ALA A 36 -0.57 -4.10 4.46
C ALA A 36 0.88 -4.03 4.79
N LEU A 37 1.32 -2.96 5.45
CA LEU A 37 2.76 -2.83 5.73
C LEU A 37 3.23 -3.91 6.68
N ASP A 38 2.46 -4.17 7.70
CA ASP A 38 2.76 -5.24 8.68
C ASP A 38 2.84 -6.59 7.98
N ALA A 39 1.95 -6.84 7.04
CA ALA A 39 1.93 -8.13 6.31
C ALA A 39 3.20 -8.32 5.50
N THR A 40 3.73 -7.27 4.89
CA THR A 40 4.96 -7.42 4.11
C THR A 40 6.11 -7.78 5.02
N ARG A 41 6.20 -7.19 6.18
CA ARG A 41 7.29 -7.51 7.10
C ARG A 41 7.20 -8.99 7.49
N THR A 42 5.99 -9.43 7.81
CA THR A 42 5.75 -10.83 8.20
C THR A 42 6.25 -11.79 7.11
N GLY A 43 5.86 -11.55 5.88
CA GLY A 43 6.28 -12.40 4.76
C GLY A 43 7.77 -12.38 4.52
N PHE A 44 8.40 -11.21 4.59
CA PHE A 44 9.82 -11.08 4.34
C PHE A 44 10.60 -11.92 5.33
N VAL A 45 10.26 -11.82 6.62
CA VAL A 45 11.00 -12.55 7.65
C VAL A 45 10.80 -14.07 7.47
N LYS A 46 9.58 -14.49 7.11
CA LYS A 46 9.33 -15.92 6.88
C LYS A 46 10.14 -16.42 5.69
N ALA A 47 10.28 -15.64 4.62
CA ALA A 47 11.07 -16.08 3.46
C ALA A 47 12.52 -16.24 3.90
N LEU A 48 13.05 -15.32 4.69
CA LEU A 48 14.46 -15.42 5.05
CA LEU A 48 14.44 -15.39 5.09
C LEU A 48 14.64 -16.65 5.90
N GLU A 49 13.75 -16.91 6.84
CA GLU A 49 13.87 -18.07 7.70
C GLU A 49 13.80 -19.39 6.89
N LYS A 50 12.88 -19.50 5.95
CA LYS A 50 12.77 -20.69 5.10
C LYS A 50 14.05 -20.96 4.29
N ASN A 51 14.79 -19.91 3.99
CA ASN A 51 16.01 -19.95 3.24
C ASN A 51 17.29 -20.02 4.11
N GLY A 52 17.09 -20.24 5.41
CA GLY A 52 18.15 -20.48 6.36
C GLY A 52 18.76 -19.26 7.00
N PHE A 53 18.06 -18.11 6.91
CA PHE A 53 18.55 -16.87 7.50
C PHE A 53 17.67 -16.51 8.66
N LYS A 54 18.22 -16.65 9.85
CA LYS A 54 17.43 -16.64 11.06
C LYS A 54 17.98 -15.57 12.03
N ASP A 55 17.11 -14.68 12.49
CA ASP A 55 17.47 -13.58 13.41
C ASP A 55 18.03 -14.17 14.70
N GLY A 56 19.15 -13.61 15.15
CA GLY A 56 19.82 -14.14 16.31
C GLY A 56 20.78 -15.29 15.99
N GLU A 57 20.83 -15.72 14.71
CA GLU A 57 21.76 -16.80 14.29
C GLU A 57 22.78 -16.28 13.27
N ASN A 58 22.45 -16.29 11.98
CA ASN A 58 23.38 -15.79 10.93
C ASN A 58 22.95 -14.44 10.34
N ILE A 59 21.83 -13.92 10.85
CA ILE A 59 21.44 -12.51 10.56
C ILE A 59 21.09 -11.83 11.85
N ASP A 60 21.14 -10.50 11.77
CA ASP A 60 20.62 -9.60 12.79
C ASP A 60 19.64 -8.65 12.11
N ILE A 61 18.41 -8.69 12.58
CA ILE A 61 17.37 -7.80 12.04
C ILE A 61 17.13 -6.64 13.03
N ASP A 62 17.32 -5.40 12.56
CA ASP A 62 17.09 -4.17 13.33
C ASP A 62 15.82 -3.54 12.70
N PHE A 63 14.68 -3.80 13.35
CA PHE A 63 13.39 -3.26 12.90
C PHE A 63 13.13 -1.87 13.51
N GLN A 64 12.75 -0.95 12.63
CA GLN A 64 12.46 0.45 13.03
C GLN A 64 11.18 0.94 12.36
N ASN A 65 10.26 1.40 13.21
CA ASN A 65 8.95 1.93 12.80
C ASN A 65 9.01 3.45 12.99
N ALA A 66 8.69 4.18 11.94
CA ALA A 66 8.66 5.67 11.99
C ALA A 66 7.42 6.24 12.66
N GLN A 67 6.44 5.40 12.94
CA GLN A 67 5.14 5.82 13.50
CA GLN A 67 5.17 5.85 13.52
C GLN A 67 4.50 6.96 12.71
N ASN A 68 4.57 6.84 11.39
CA ASN A 68 3.98 7.78 10.42
C ASN A 68 4.63 9.15 10.40
N ASP A 69 5.75 9.31 11.05
CA ASP A 69 6.46 10.61 11.12
C ASP A 69 7.50 10.69 10.00
N MET A 70 7.34 11.61 9.08
CA MET A 70 8.28 11.74 7.97
C MET A 70 9.71 12.03 8.35
N PRO A 71 9.96 12.89 9.36
CA PRO A 71 11.35 13.08 9.77
C PRO A 71 12.03 11.80 10.30
N THR A 72 11.22 10.97 10.97
CA THR A 72 11.74 9.74 11.54
C THR A 72 12.07 8.77 10.41
N THR A 73 11.36 8.77 9.29
CA THR A 73 11.81 7.88 8.16
C THR A 73 13.21 8.27 7.76
N GLN A 74 13.56 9.54 7.84
CA GLN A 74 14.86 10.01 7.41
C GLN A 74 15.93 9.72 8.45
N SER A 75 15.64 9.88 9.73
CA SER A 75 16.62 9.56 10.78
C SER A 75 16.86 8.06 10.84
N ILE A 76 15.84 7.23 10.66
CA ILE A 76 16.06 5.75 10.66
C ILE A 76 17.04 5.45 9.55
N ALA A 77 16.79 5.98 8.37
CA ALA A 77 17.61 5.66 7.18
C ALA A 77 19.02 6.14 7.36
N SER A 78 19.21 7.35 7.85
CA SER A 78 20.50 7.89 8.18
C SER A 78 21.31 6.95 9.12
N LYS A 79 20.66 6.48 10.16
CA LYS A 79 21.32 5.62 11.14
C LYS A 79 21.64 4.26 10.51
N PHE A 80 20.77 3.69 9.70
CA PHE A 80 21.11 2.46 8.98
C PHE A 80 22.29 2.66 8.09
N ALA A 81 22.46 3.76 7.41
CA ALA A 81 23.58 4.04 6.55
C ALA A 81 24.86 4.18 7.39
N SER A 82 24.82 4.92 8.47
CA SER A 82 26.02 5.10 9.31
C SER A 82 26.37 3.81 10.10
N ASP A 83 25.38 2.97 10.37
CA ASP A 83 25.57 1.64 10.94
C ASP A 83 26.24 0.69 9.96
N LYS A 84 26.28 1.02 8.67
CA LYS A 84 26.85 0.12 7.65
C LYS A 84 26.12 -1.21 7.56
N LYS A 85 24.79 -1.19 7.55
CA LYS A 85 23.98 -2.37 7.34
C LYS A 85 24.38 -3.03 6.02
N ASP A 86 24.25 -4.35 5.98
CA ASP A 86 24.47 -5.08 4.74
C ASP A 86 23.33 -4.99 3.72
N LEU A 87 22.12 -4.72 4.25
CA LEU A 87 20.91 -4.66 3.44
CA LEU A 87 20.95 -4.59 3.41
C LEU A 87 19.90 -3.83 4.23
N ILE A 88 19.16 -3.01 3.47
CA ILE A 88 17.99 -2.27 4.03
C ILE A 88 16.72 -2.72 3.33
N PHE A 89 15.75 -3.12 4.12
CA PHE A 89 14.43 -3.48 3.60
C PHE A 89 13.49 -2.29 4.00
N ALA A 90 12.97 -1.68 2.95
CA ALA A 90 12.11 -0.44 3.14
C ALA A 90 10.67 -0.76 2.70
N ILE A 91 9.74 -0.44 3.62
CA ILE A 91 8.36 -0.78 3.47
C ILE A 91 7.60 0.55 3.36
N SER A 92 7.07 0.76 2.15
CA SER A 92 6.33 1.99 1.69
C SER A 92 7.23 2.92 0.92
N THR A 93 6.56 3.80 0.12
CA THR A 93 7.24 4.81 -0.65
C THR A 93 8.04 5.78 0.22
N PRO A 94 7.39 6.42 1.21
CA PRO A 94 8.19 7.31 2.07
C PRO A 94 9.43 6.68 2.73
N SER A 95 9.27 5.45 3.21
CA SER A 95 10.43 4.82 3.84
C SER A 95 11.54 4.49 2.84
N ALA A 96 11.14 4.07 1.64
CA ALA A 96 12.07 3.79 0.56
C ALA A 96 12.80 5.01 0.06
N GLN A 97 12.03 6.11 -0.11
CA GLN A 97 12.64 7.34 -0.56
C GLN A 97 13.69 7.86 0.42
N ALA A 98 13.37 7.74 1.72
CA ALA A 98 14.32 8.13 2.74
C ALA A 98 15.62 7.26 2.70
N ALA A 99 15.42 5.94 2.58
CA ALA A 99 16.56 5.00 2.51
C ALA A 99 17.45 5.37 1.32
N PHE A 100 16.83 5.63 0.16
CA PHE A 100 17.57 6.00 -1.03
C PHE A 100 18.32 7.34 -0.89
N ASN A 101 17.69 8.31 -0.22
CA ASN A 101 18.37 9.53 0.07
C ASN A 101 19.57 9.31 0.98
N ALA A 102 19.42 8.42 1.95
CA ALA A 102 20.46 8.18 2.96
C ALA A 102 21.70 7.47 2.41
N THR A 103 21.51 6.58 1.43
CA THR A 103 22.62 5.78 0.90
C THR A 103 22.40 5.37 -0.56
N LYS A 104 23.47 5.49 -1.36
CA LYS A 104 23.46 4.98 -2.75
CA LYS A 104 23.54 5.05 -2.75
C LYS A 104 24.34 3.75 -2.87
N ASP A 105 24.86 3.27 -1.74
CA ASP A 105 25.81 2.11 -1.74
C ASP A 105 25.25 0.83 -1.15
N ILE A 106 24.54 0.90 -0.04
CA ILE A 106 23.95 -0.26 0.60
C ILE A 106 22.77 -0.70 -0.24
N PRO A 107 22.57 -1.99 -0.55
CA PRO A 107 21.41 -2.41 -1.29
C PRO A 107 20.14 -2.19 -0.49
N ILE A 108 19.13 -1.67 -1.21
CA ILE A 108 17.83 -1.42 -0.64
C ILE A 108 16.82 -2.28 -1.37
N LEU A 109 16.08 -3.08 -0.63
CA LEU A 109 14.97 -3.83 -1.19
C LEU A 109 13.71 -3.14 -0.67
N ILE A 110 12.83 -2.85 -1.61
CA ILE A 110 11.55 -2.15 -1.29
C ILE A 110 10.42 -3.14 -1.39
N THR A 111 9.31 -2.78 -0.74
CA THR A 111 8.04 -3.42 -0.97
C THR A 111 6.94 -2.34 -0.68
N ALA A 112 5.74 -2.65 -1.13
CA ALA A 112 4.55 -1.72 -0.91
C ALA A 112 4.87 -0.36 -1.46
N VAL A 113 5.53 -0.30 -2.60
CA VAL A 113 5.80 0.93 -3.34
C VAL A 113 5.02 0.87 -4.61
N SER A 114 4.08 1.85 -4.80
CA SER A 114 3.18 1.77 -5.91
C SER A 114 3.83 1.95 -7.25
N ASP A 115 4.74 2.91 -7.33
CA ASP A 115 5.36 3.38 -8.59
C ASP A 115 6.79 3.76 -8.29
N PRO A 116 7.71 2.72 -8.36
CA PRO A 116 9.08 2.99 -8.06
C PRO A 116 9.78 3.97 -8.95
N VAL A 117 9.41 4.01 -10.22
CA VAL A 117 9.99 4.99 -11.15
C VAL A 117 9.54 6.43 -10.81
N ALA A 118 8.27 6.59 -10.54
CA ALA A 118 7.79 7.94 -10.20
C ALA A 118 8.33 8.46 -8.88
N ALA A 119 8.65 7.51 -7.99
CA ALA A 119 9.26 7.84 -6.71
C ALA A 119 10.76 8.11 -6.82
N GLY A 120 11.33 7.95 -8.01
CA GLY A 120 12.76 8.26 -8.22
C GLY A 120 13.73 7.17 -7.76
N LEU A 121 13.21 5.99 -7.49
CA LEU A 121 14.06 4.89 -6.89
C LEU A 121 14.80 4.07 -7.89
N VAL A 122 14.24 3.85 -9.06
CA VAL A 122 14.79 2.99 -10.10
C VAL A 122 14.64 3.71 -11.42
N LYS A 123 15.52 3.43 -12.36
CA LYS A 123 15.41 4.01 -13.70
C LYS A 123 14.33 3.36 -14.53
N THR A 124 14.29 2.04 -14.54
CA THR A 124 13.20 1.23 -15.11
C THR A 124 12.90 0.06 -14.17
N LEU A 125 11.71 -0.52 -14.26
CA LEU A 125 11.37 -1.69 -13.44
C LEU A 125 12.27 -2.89 -13.79
N GLU A 126 12.49 -3.11 -15.07
CA GLU A 126 13.27 -4.25 -15.54
C GLU A 126 14.76 -4.17 -15.24
N LYS A 127 15.31 -2.95 -15.20
CA LYS A 127 16.73 -2.75 -14.90
C LYS A 127 16.87 -1.49 -14.05
N PRO A 128 16.84 -1.67 -12.74
CA PRO A 128 16.82 -0.50 -11.87
C PRO A 128 17.94 0.47 -12.07
N GLY A 129 19.16 -0.03 -12.24
CA GLY A 129 20.27 0.86 -12.51
C GLY A 129 20.70 1.74 -11.35
N THR A 130 20.23 1.36 -10.14
CA THR A 130 20.49 2.05 -8.88
C THR A 130 20.74 0.94 -7.84
N ASN A 131 20.90 1.33 -6.59
CA ASN A 131 21.02 0.39 -5.49
C ASN A 131 19.70 -0.14 -4.93
N VAL A 132 18.63 0.02 -5.70
CA VAL A 132 17.28 -0.34 -5.25
C VAL A 132 16.63 -1.39 -6.16
N SER A 133 16.02 -2.41 -5.56
CA SER A 133 15.09 -3.29 -6.26
C SER A 133 14.04 -3.77 -5.26
N GLY A 134 13.21 -4.73 -5.62
CA GLY A 134 12.23 -5.28 -4.75
C GLY A 134 10.91 -5.52 -5.44
N THR A 135 9.86 -5.19 -4.70
CA THR A 135 8.51 -5.41 -5.18
C THR A 135 7.71 -4.07 -5.15
N SER A 136 6.77 -4.05 -6.08
CA SER A 136 5.79 -2.94 -6.19
C SER A 136 4.44 -3.51 -5.92
N ASP A 137 3.61 -2.70 -5.21
CA ASP A 137 2.22 -3.01 -4.95
C ASP A 137 1.30 -2.33 -5.95
N PHE A 138 1.77 -2.04 -7.14
CA PHE A 138 0.90 -1.57 -8.21
C PHE A 138 -0.29 -2.47 -8.38
N VAL A 139 -1.49 -1.85 -8.50
CA VAL A 139 -2.71 -2.52 -8.86
C VAL A 139 -3.53 -1.57 -9.71
N SER A 140 -4.20 -2.08 -10.72
CA SER A 140 -5.01 -1.15 -11.55
CA SER A 140 -5.07 -1.25 -11.59
C SER A 140 -6.25 -0.64 -10.81
N VAL A 141 -6.61 0.61 -11.12
CA VAL A 141 -7.83 1.20 -10.51
C VAL A 141 -9.04 0.38 -10.95
N ASP A 142 -8.92 -0.24 -12.12
CA ASP A 142 -10.01 -1.01 -12.69
C ASP A 142 -10.45 -2.13 -11.77
N LYS A 143 -9.53 -2.71 -11.01
CA LYS A 143 -9.89 -3.84 -10.14
C LYS A 143 -10.90 -3.45 -9.08
N GLY A 144 -10.67 -2.34 -8.44
CA GLY A 144 -11.63 -1.86 -7.47
C GLY A 144 -12.91 -1.34 -8.10
N LEU A 145 -12.79 -0.62 -9.21
CA LEU A 145 -13.96 -0.03 -9.85
C LEU A 145 -14.89 -1.07 -10.49
N GLU A 146 -14.38 -2.24 -10.82
CA GLU A 146 -15.18 -3.45 -11.19
C GLU A 146 -16.25 -3.77 -10.16
N LEU A 147 -15.96 -3.48 -8.90
CA LEU A 147 -16.87 -3.78 -7.83
C LEU A 147 -18.09 -2.88 -7.76
N LEU A 148 -18.06 -1.75 -8.45
CA LEU A 148 -19.24 -0.90 -8.53
C LEU A 148 -20.41 -1.64 -9.15
N LYS A 149 -20.17 -2.53 -10.10
CA LYS A 149 -21.28 -3.30 -10.71
C LYS A 149 -22.02 -4.11 -9.66
N ILE A 150 -21.31 -4.47 -8.61
CA ILE A 150 -21.85 -5.36 -7.60
C ILE A 150 -22.52 -4.53 -6.53
N PHE A 151 -21.82 -3.52 -5.98
CA PHE A 151 -22.24 -2.83 -4.77
C PHE A 151 -22.87 -1.46 -4.98
N ALA A 152 -22.63 -0.81 -6.13
CA ALA A 152 -23.21 0.52 -6.43
C ALA A 152 -23.39 0.73 -7.92
N PRO A 153 -24.26 -0.07 -8.56
CA PRO A 153 -24.26 -0.13 -10.02
C PRO A 153 -24.72 1.15 -10.75
N LYS A 154 -25.40 2.02 -10.02
CA LYS A 154 -25.87 3.30 -10.56
C LYS A 154 -24.98 4.48 -10.20
N ALA A 155 -23.86 4.24 -9.51
CA ALA A 155 -22.99 5.32 -9.04
C ALA A 155 -22.42 5.99 -10.25
N LYS A 156 -22.34 7.32 -10.19
CA LYS A 156 -21.72 8.12 -11.25
C LYS A 156 -20.61 9.02 -10.78
N THR A 157 -20.57 9.29 -9.46
CA THR A 157 -19.60 10.23 -8.88
C THR A 157 -18.78 9.52 -7.81
N ILE A 158 -17.47 9.52 -8.03
CA ILE A 158 -16.50 8.82 -7.17
C ILE A 158 -15.70 9.89 -6.41
N GLY A 159 -15.68 9.79 -5.09
CA GLY A 159 -14.78 10.62 -4.30
C GLY A 159 -13.43 9.93 -4.07
N VAL A 160 -12.43 10.74 -3.87
CA VAL A 160 -11.09 10.23 -3.46
C VAL A 160 -10.45 11.26 -2.54
N MET A 161 -10.13 10.81 -1.32
CA MET A 161 -9.32 11.58 -0.38
C MET A 161 -7.92 10.95 -0.35
N TYR A 162 -6.91 11.81 -0.37
CA TYR A 162 -5.51 11.28 -0.43
C TYR A 162 -4.57 12.35 0.07
N ASN A 163 -3.35 11.95 0.38
CA ASN A 163 -2.24 12.80 0.82
C ASN A 163 -1.55 13.39 -0.39
N THR A 164 -1.60 14.71 -0.55
CA THR A 164 -0.97 15.34 -1.70
C THR A 164 0.55 15.24 -1.67
N SER A 165 1.13 14.89 -0.52
CA SER A 165 2.57 14.64 -0.38
C SER A 165 3.06 13.27 -0.79
N GLU A 166 2.18 12.32 -1.07
CA GLU A 166 2.57 10.97 -1.45
C GLU A 166 2.52 10.80 -2.96
N VAL A 167 3.68 10.59 -3.59
CA VAL A 167 3.69 10.42 -5.03
C VAL A 167 2.93 9.18 -5.45
N ASN A 168 2.98 8.13 -4.63
CA ASN A 168 2.18 6.95 -4.85
C ASN A 168 0.69 7.22 -5.02
N SER A 169 0.19 8.15 -4.22
CA SER A 169 -1.21 8.52 -4.29
C SER A 169 -1.53 9.38 -5.49
N LYS A 170 -0.64 10.31 -5.81
CA LYS A 170 -0.84 11.16 -6.98
C LYS A 170 -0.99 10.34 -8.26
N VAL A 171 -0.12 9.33 -8.44
CA VAL A 171 -0.19 8.49 -9.60
C VAL A 171 -1.53 7.75 -9.66
N GLN A 172 -2.02 7.26 -8.52
CA GLN A 172 -3.27 6.54 -8.50
C GLN A 172 -4.49 7.47 -8.76
N VAL A 173 -4.45 8.68 -8.20
CA VAL A 173 -5.53 9.67 -8.49
C VAL A 173 -5.53 9.96 -9.99
N ASP A 174 -4.38 10.13 -10.62
CA ASP A 174 -4.35 10.38 -12.09
C ASP A 174 -5.00 9.22 -12.85
N ALA A 175 -4.65 7.98 -12.43
CA ALA A 175 -5.25 6.77 -13.02
C ALA A 175 -6.76 6.72 -12.83
N LEU A 176 -7.23 7.11 -11.64
CA LEU A 176 -8.65 7.18 -11.39
C LEU A 176 -9.36 8.16 -12.32
N LYS A 177 -8.76 9.34 -12.47
CA LYS A 177 -9.35 10.35 -13.37
C LYS A 177 -9.32 9.89 -14.81
N GLU A 178 -8.27 9.18 -15.25
CA GLU A 178 -8.25 8.66 -16.58
C GLU A 178 -9.36 7.64 -16.82
N TYR A 179 -9.52 6.71 -15.88
CA TYR A 179 -10.60 5.74 -15.95
C TYR A 179 -11.97 6.42 -16.01
N ALA A 180 -12.16 7.43 -15.17
CA ALA A 180 -13.46 8.10 -15.04
C ALA A 180 -13.80 8.79 -16.34
N SER A 181 -12.80 9.41 -16.97
CA SER A 181 -13.00 10.11 -18.26
CA SER A 181 -13.02 10.11 -18.25
CA SER A 181 -13.02 10.10 -18.24
C SER A 181 -13.37 9.14 -19.38
N LYS A 182 -12.84 7.92 -19.31
CA LYS A 182 -13.13 6.85 -20.27
C LYS A 182 -14.53 6.21 -20.08
N ASN A 183 -15.04 6.17 -18.85
CA ASN A 183 -16.15 5.30 -18.48
C ASN A 183 -17.37 6.02 -17.90
N GLY A 184 -17.38 7.34 -18.04
CA GLY A 184 -18.59 8.14 -17.73
C GLY A 184 -18.80 8.46 -16.25
N PHE A 185 -17.72 8.55 -15.47
CA PHE A 185 -17.79 8.95 -14.04
C PHE A 185 -17.21 10.34 -13.86
N LYS A 186 -17.70 10.99 -12.81
CA LYS A 186 -17.16 12.23 -12.25
CA LYS A 186 -17.09 12.22 -12.29
C LYS A 186 -16.27 11.87 -11.04
N VAL A 187 -15.16 12.58 -10.86
CA VAL A 187 -14.33 12.36 -9.68
C VAL A 187 -14.31 13.64 -8.87
N VAL A 188 -14.53 13.53 -7.57
CA VAL A 188 -14.37 14.64 -6.63
C VAL A 188 -13.17 14.33 -5.73
N GLU A 189 -12.15 15.17 -5.80
CA GLU A 189 -10.92 15.01 -5.05
C GLU A 189 -10.90 15.79 -3.76
N LYS A 190 -10.34 15.20 -2.72
CA LYS A 190 -10.06 15.93 -1.49
C LYS A 190 -8.63 15.64 -1.08
N GLY A 191 -7.73 16.53 -1.49
CA GLY A 191 -6.36 16.47 -1.11
C GLY A 191 -6.12 16.99 0.28
N ILE A 192 -5.47 16.19 1.12
CA ILE A 192 -5.07 16.60 2.47
C ILE A 192 -3.57 16.33 2.69
N THR A 193 -3.02 16.81 3.81
CA THR A 193 -1.62 16.60 4.15
C THR A 193 -1.39 16.12 5.56
N THR A 194 -2.41 16.09 6.41
CA THR A 194 -2.29 15.73 7.81
C THR A 194 -3.46 14.86 8.26
N SER A 195 -3.25 14.07 9.29
CA SER A 195 -4.31 13.23 9.86
C SER A 195 -5.43 14.11 10.48
N ASN A 196 -5.07 15.31 10.96
CA ASN A 196 -6.09 16.21 11.53
C ASN A 196 -7.11 16.65 10.51
N GLU A 197 -6.80 16.59 9.22
CA GLU A 197 -7.73 16.97 8.14
C GLU A 197 -8.67 15.90 7.72
N VAL A 198 -8.54 14.67 8.21
CA VAL A 198 -9.38 13.58 7.76
C VAL A 198 -10.87 13.82 8.04
N ASN A 199 -11.20 14.26 9.27
CA ASN A 199 -12.61 14.41 9.66
C ASN A 199 -13.34 15.33 8.70
N GLN A 200 -12.81 16.53 8.51
CA GLN A 200 -13.51 17.50 7.67
C GLN A 200 -13.45 17.08 6.18
N GLY A 201 -12.38 16.36 5.81
CA GLY A 201 -12.26 15.90 4.45
C GLY A 201 -13.33 14.92 4.04
N ILE A 202 -13.50 13.84 4.81
CA ILE A 202 -14.56 12.89 4.51
C ILE A 202 -15.95 13.55 4.69
N SER A 203 -16.09 14.37 5.72
CA SER A 203 -17.38 15.02 5.98
C SER A 203 -17.80 15.90 4.81
N SER A 204 -16.85 16.56 4.18
CA SER A 204 -17.08 17.47 3.07
C SER A 204 -17.48 16.75 1.78
N LEU A 205 -17.10 15.49 1.66
CA LEU A 205 -17.47 14.64 0.51
C LEU A 205 -18.92 14.10 0.60
N VAL A 206 -19.49 14.06 1.81
CA VAL A 206 -20.93 13.75 2.00
C VAL A 206 -21.86 14.70 1.26
N GLY A 207 -22.80 14.12 0.54
CA GLY A 207 -23.72 14.86 -0.25
C GLY A 207 -23.17 15.08 -1.61
N LYS A 208 -21.85 14.84 -1.84
CA LYS A 208 -21.27 15.14 -3.12
C LYS A 208 -20.87 13.92 -3.95
N ILE A 209 -20.85 12.74 -3.34
CA ILE A 209 -20.34 11.51 -4.00
C ILE A 209 -21.29 10.35 -3.77
N ASP A 210 -21.17 9.34 -4.66
CA ASP A 210 -21.95 8.13 -4.54
C ASP A 210 -21.12 6.99 -3.88
N VAL A 211 -19.80 7.05 -4.07
CA VAL A 211 -18.87 6.02 -3.58
CA VAL A 211 -18.85 6.02 -3.62
CA VAL A 211 -18.88 6.04 -3.57
C VAL A 211 -17.52 6.70 -3.34
N LEU A 212 -16.79 6.20 -2.34
CA LEU A 212 -15.42 6.63 -2.04
C LEU A 212 -14.45 5.55 -2.50
N TYR A 213 -13.44 5.97 -3.23
CA TYR A 213 -12.31 5.04 -3.56
C TYR A 213 -11.11 5.40 -2.69
N VAL A 214 -10.53 4.37 -2.05
CA VAL A 214 -9.35 4.56 -1.21
C VAL A 214 -8.13 3.98 -1.93
N PRO A 215 -7.27 4.82 -2.46
CA PRO A 215 -6.02 4.31 -3.05
C PRO A 215 -5.10 3.80 -1.94
N THR A 216 -3.97 3.23 -2.39
CA THR A 216 -2.92 2.85 -1.42
C THR A 216 -2.09 4.04 -0.94
N ASP A 217 -2.82 4.88 -0.16
CA ASP A 217 -2.35 6.06 0.48
C ASP A 217 -2.14 5.78 1.98
N ASN A 218 -0.89 5.98 2.45
CA ASN A 218 -0.55 5.66 3.79
C ASN A 218 -1.29 6.45 4.86
N LEU A 219 -1.51 7.73 4.55
CA LEU A 219 -2.23 8.62 5.50
C LEU A 219 -3.69 8.16 5.67
N VAL A 220 -4.38 7.93 4.56
CA VAL A 220 -5.79 7.51 4.64
C VAL A 220 -5.93 6.08 5.19
N ALA A 221 -5.04 5.18 4.76
CA ALA A 221 -5.07 3.81 5.30
C ALA A 221 -4.88 3.78 6.81
N SER A 222 -4.11 4.72 7.36
CA SER A 222 -3.89 4.83 8.81
CA SER A 222 -3.90 4.74 8.81
C SER A 222 -5.03 5.43 9.61
N SER A 223 -5.96 6.06 8.89
CA SER A 223 -7.16 6.67 9.47
C SER A 223 -8.43 6.03 9.02
N MET A 224 -8.39 4.81 8.56
CA MET A 224 -9.57 4.15 7.99
CA MET A 224 -9.56 4.17 7.97
C MET A 224 -10.74 4.00 8.95
N PRO A 225 -10.47 3.68 10.22
CA PRO A 225 -11.65 3.56 11.13
C PRO A 225 -12.50 4.85 11.21
N ILE A 226 -11.87 6.01 11.16
CA ILE A 226 -12.58 7.29 11.11
C ILE A 226 -13.34 7.44 9.79
N VAL A 227 -12.68 7.19 8.67
CA VAL A 227 -13.30 7.29 7.36
C VAL A 227 -14.50 6.38 7.27
N SER A 228 -14.34 5.14 7.72
CA SER A 228 -15.40 4.15 7.73
C SER A 228 -16.63 4.59 8.54
N LYS A 229 -16.39 5.09 9.74
CA LYS A 229 -17.46 5.45 10.65
C LYS A 229 -18.33 6.55 10.00
N ILE A 230 -17.68 7.60 9.51
CA ILE A 230 -18.43 8.71 8.90
C ILE A 230 -19.08 8.30 7.57
N ALA A 231 -18.36 7.55 6.75
CA ALA A 231 -18.93 7.14 5.47
C ALA A 231 -20.16 6.26 5.65
N THR A 232 -20.06 5.29 6.56
CA THR A 232 -21.07 4.28 6.76
C THR A 232 -22.33 4.92 7.36
N GLU A 233 -22.15 5.87 8.27
CA GLU A 233 -23.27 6.64 8.84
C GLU A 233 -24.10 7.39 7.79
N ASN A 234 -23.36 7.82 6.75
CA ASN A 234 -23.87 8.52 5.57
C ASN A 234 -24.23 7.61 4.38
N LYS A 235 -24.16 6.28 4.59
CA LYS A 235 -24.55 5.27 3.60
C LYS A 235 -23.73 5.36 2.30
N ILE A 236 -22.46 5.75 2.43
CA ILE A 236 -21.52 5.83 1.30
CA ILE A 236 -21.54 5.82 1.29
C ILE A 236 -20.67 4.55 1.29
N PRO A 237 -20.80 3.74 0.21
CA PRO A 237 -19.87 2.57 0.07
C PRO A 237 -18.45 3.06 -0.16
N VAL A 238 -17.53 2.40 0.52
CA VAL A 238 -16.11 2.66 0.35
C VAL A 238 -15.37 1.42 -0.26
N ILE A 239 -14.85 1.63 -1.44
CA ILE A 239 -14.02 0.60 -2.12
C ILE A 239 -12.59 1.00 -1.88
N ALA A 240 -11.81 0.03 -1.35
CA ALA A 240 -10.38 0.27 -1.17
C ALA A 240 -9.57 -0.53 -2.17
N ALA A 241 -8.36 -0.09 -2.41
CA ALA A 241 -7.43 -0.78 -3.32
C ALA A 241 -6.93 -2.13 -2.79
N GLU A 242 -6.96 -2.34 -1.50
CA GLU A 242 -6.48 -3.59 -0.88
C GLU A 242 -7.19 -3.87 0.39
N SER A 243 -6.96 -5.03 0.99
CA SER A 243 -7.81 -5.53 2.04
C SER A 243 -7.59 -4.92 3.42
N GLY A 244 -6.44 -4.28 3.68
CA GLY A 244 -6.21 -3.69 4.98
C GLY A 244 -7.34 -2.72 5.36
N PRO A 245 -7.64 -1.77 4.47
CA PRO A 245 -8.75 -0.85 4.84
C PRO A 245 -10.09 -1.55 4.99
N VAL A 246 -10.32 -2.64 4.28
CA VAL A 246 -11.54 -3.43 4.44
C VAL A 246 -11.63 -4.00 5.85
N GLU A 247 -10.51 -4.58 6.33
CA GLU A 247 -10.44 -5.04 7.71
C GLU A 247 -10.71 -3.92 8.71
N LYS A 248 -10.35 -2.68 8.33
CA LYS A 248 -10.54 -1.49 9.18
C LYS A 248 -11.84 -0.73 8.89
N GLY A 249 -12.76 -1.29 8.09
CA GLY A 249 -14.07 -0.77 7.91
C GLY A 249 -14.46 -0.22 6.55
N ALA A 250 -13.64 -0.31 5.53
CA ALA A 250 -14.11 -0.14 4.15
C ALA A 250 -15.05 -1.31 3.79
N LEU A 251 -15.83 -1.15 2.73
CA LEU A 251 -16.75 -2.19 2.33
C LEU A 251 -16.08 -3.36 1.60
N ALA A 252 -15.27 -3.03 0.60
CA ALA A 252 -14.75 -4.10 -0.29
C ALA A 252 -13.51 -3.71 -1.03
N CYS A 253 -12.78 -4.73 -1.50
CA CYS A 253 -11.62 -4.55 -2.35
C CYS A 253 -11.45 -5.75 -3.28
N GLN A 254 -10.64 -5.56 -4.31
CA GLN A 254 -10.19 -6.66 -5.15
C GLN A 254 -8.68 -6.38 -5.32
N GLY A 255 -7.91 -6.90 -4.37
CA GLY A 255 -6.53 -6.52 -4.22
C GLY A 255 -5.55 -7.67 -4.00
N ILE A 256 -4.30 -7.27 -3.94
CA ILE A 256 -3.19 -8.26 -3.85
C ILE A 256 -2.95 -8.66 -2.42
N ASN A 257 -2.14 -9.73 -2.29
CA ASN A 257 -1.78 -10.28 -0.96
C ASN A 257 -0.44 -9.75 -0.55
N TYR A 258 -0.43 -8.90 0.46
CA TYR A 258 0.80 -8.21 0.85
C TYR A 258 1.81 -9.12 1.59
N GLU A 259 1.31 -10.11 2.31
CA GLU A 259 2.26 -11.09 2.93
C GLU A 259 3.01 -11.79 1.82
N LYS A 260 2.33 -12.24 0.77
CA LYS A 260 3.04 -12.87 -0.37
C LYS A 260 4.01 -11.94 -1.05
N LEU A 261 3.65 -10.67 -1.16
CA LEU A 261 4.55 -9.65 -1.75
C LEU A 261 5.83 -9.50 -0.91
N GLY A 262 5.67 -9.48 0.40
CA GLY A 262 6.79 -9.43 1.32
C GLY A 262 7.69 -10.69 1.25
N TYR A 263 7.02 -11.81 1.09
CA TYR A 263 7.75 -13.12 1.00
C TYR A 263 8.60 -13.07 -0.25
N LYS A 264 8.06 -12.63 -1.40
CA LYS A 264 8.83 -12.48 -2.63
C LYS A 264 10.03 -11.57 -2.42
N THR A 265 9.81 -10.44 -1.72
CA THR A 265 10.91 -9.54 -1.44
C THR A 265 12.04 -10.23 -0.59
N GLY A 266 11.62 -11.06 0.35
CA GLY A 266 12.58 -11.82 1.15
C GLY A 266 13.35 -12.78 0.27
N GLU A 267 12.72 -13.41 -0.71
CA GLU A 267 13.48 -14.27 -1.65
C GLU A 267 14.49 -13.44 -2.42
N MET A 268 14.17 -12.18 -2.79
CA MET A 268 15.11 -11.34 -3.46
C MET A 268 16.23 -10.92 -2.52
N ALA A 269 15.92 -10.75 -1.23
CA ALA A 269 16.97 -10.52 -0.21
C ALA A 269 17.96 -11.64 -0.14
N VAL A 270 17.46 -12.86 -0.17
CA VAL A 270 18.34 -14.05 -0.11
C VAL A 270 19.37 -13.93 -1.24
N LYS A 271 18.91 -13.60 -2.43
CA LYS A 271 19.79 -13.41 -3.59
C LYS A 271 20.85 -12.37 -3.39
N ILE A 272 20.46 -11.21 -2.87
CA ILE A 272 21.39 -10.13 -2.59
C ILE A 272 22.43 -10.52 -1.52
N LEU A 273 21.97 -11.16 -0.44
CA LEU A 273 22.86 -11.63 0.61
C LEU A 273 23.88 -12.66 0.09
N ASN A 274 23.47 -13.42 -0.92
CA ASN A 274 24.32 -14.43 -1.57
C ASN A 274 25.15 -13.86 -2.74
N GLY A 275 25.10 -12.54 -2.97
CA GLY A 275 26.02 -11.92 -3.94
C GLY A 275 25.43 -11.38 -5.25
N GLU A 276 24.13 -11.52 -5.47
CA GLU A 276 23.56 -11.05 -6.74
C GLU A 276 23.48 -9.53 -6.76
N SER A 277 23.58 -8.95 -7.95
CA SER A 277 23.60 -7.47 -8.14
C SER A 277 22.17 -6.90 -8.06
N VAL A 278 21.92 -6.00 -7.12
CA VAL A 278 20.61 -5.37 -7.00
C VAL A 278 20.27 -4.49 -8.22
N SER A 279 21.26 -3.88 -8.82
CA SER A 279 21.01 -2.93 -9.91
CA SER A 279 21.08 -2.94 -9.94
CA SER A 279 21.01 -2.93 -9.91
C SER A 279 20.49 -3.58 -11.19
N ASP A 280 20.66 -4.90 -11.32
CA ASP A 280 20.14 -5.64 -12.47
C ASP A 280 18.95 -6.54 -12.13
N MET A 281 18.46 -6.46 -10.90
CA MET A 281 17.37 -7.31 -10.45
C MET A 281 16.02 -6.65 -10.80
N PRO A 282 15.17 -7.27 -11.64
CA PRO A 282 13.89 -6.66 -11.97
C PRO A 282 12.96 -6.52 -10.78
N VAL A 283 12.25 -5.38 -10.76
CA VAL A 283 11.20 -5.16 -9.76
C VAL A 283 10.00 -6.09 -10.10
N ALA A 284 9.51 -6.79 -9.08
CA ALA A 284 8.41 -7.71 -9.21
C ALA A 284 7.08 -7.11 -8.78
N THR A 285 6.01 -7.55 -9.44
CA THR A 285 4.66 -7.16 -9.10
C THR A 285 3.77 -8.40 -9.01
N SER A 286 2.54 -8.24 -8.54
CA SER A 286 1.54 -9.30 -8.48
C SER A 286 0.37 -9.03 -9.36
N ASP A 287 -0.05 -10.01 -10.13
CA ASP A 287 -1.23 -9.97 -10.93
C ASP A 287 -2.42 -10.74 -10.33
N ASP A 288 -2.29 -11.20 -9.07
CA ASP A 288 -3.23 -12.07 -8.41
C ASP A 288 -4.00 -11.27 -7.36
N THR A 289 -5.27 -11.05 -7.63
CA THR A 289 -6.13 -10.33 -6.69
C THR A 289 -7.26 -11.23 -6.18
N ASP A 290 -7.84 -10.83 -5.06
CA ASP A 290 -8.94 -11.54 -4.41
C ASP A 290 -9.92 -10.53 -3.90
N ILE A 291 -11.21 -10.88 -4.04
CA ILE A 291 -12.27 -9.98 -3.57
C ILE A 291 -12.56 -10.29 -2.10
N ILE A 292 -12.44 -9.27 -1.25
CA ILE A 292 -12.68 -9.38 0.17
C ILE A 292 -13.66 -8.23 0.54
N VAL A 293 -14.67 -8.61 1.31
CA VAL A 293 -15.76 -7.74 1.71
C VAL A 293 -15.89 -7.80 3.23
N ASN A 294 -16.17 -6.66 3.85
CA ASN A 294 -16.39 -6.57 5.25
C ASN A 294 -17.86 -6.81 5.43
N GLU A 295 -18.23 -7.97 5.98
CA GLU A 295 -19.65 -8.32 6.12
CA GLU A 295 -19.66 -8.28 6.07
C GLU A 295 -20.40 -7.44 7.13
N ASP A 296 -19.67 -6.84 8.08
CA ASP A 296 -20.31 -5.97 9.08
C ASP A 296 -20.73 -4.66 8.42
N ILE A 297 -19.85 -4.14 7.58
CA ILE A 297 -20.14 -2.91 6.80
C ILE A 297 -21.23 -3.18 5.77
N LEU A 298 -21.20 -4.34 5.11
CA LEU A 298 -22.22 -4.74 4.15
C LEU A 298 -23.61 -4.69 4.81
N LYS A 299 -23.71 -5.29 5.99
CA LYS A 299 -24.97 -5.33 6.73
C LYS A 299 -25.37 -3.92 7.19
N ALA A 300 -24.43 -3.14 7.68
CA ALA A 300 -24.73 -1.75 8.10
C ALA A 300 -25.29 -0.90 6.95
N LEU A 301 -24.86 -1.18 5.71
CA LEU A 301 -25.38 -0.47 4.52
C LEU A 301 -26.71 -1.03 3.99
N GLY A 302 -27.20 -2.09 4.64
CA GLY A 302 -28.43 -2.76 4.28
C GLY A 302 -28.30 -3.59 3.02
N MET A 303 -27.10 -4.04 2.70
CA MET A 303 -26.88 -4.83 1.49
C MET A 303 -26.92 -6.33 1.74
N GLU A 304 -27.29 -7.07 0.70
CA GLU A 304 -27.26 -8.53 0.70
C GLU A 304 -25.91 -9.04 0.23
N LYS A 305 -25.53 -10.25 0.68
CA LYS A 305 -24.32 -10.85 0.21
C LYS A 305 -24.60 -11.27 -1.25
N PRO A 306 -23.75 -10.86 -2.23
CA PRO A 306 -24.03 -11.29 -3.61
C PRO A 306 -23.78 -12.79 -3.77
N SER A 307 -24.32 -13.42 -4.82
CA SER A 307 -24.11 -14.88 -5.06
C SER A 307 -22.64 -15.31 -5.29
N ASN A 308 -21.84 -14.43 -5.91
CA ASN A 308 -20.41 -14.67 -6.23
C ASN A 308 -19.60 -15.53 -5.23
N GLU A 309 -19.27 -16.76 -5.64
CA GLU A 309 -18.46 -17.72 -4.86
C GLU A 309 -17.02 -17.28 -4.54
N ASN A 310 -16.45 -16.43 -5.39
CA ASN A 310 -15.10 -15.93 -5.18
C ASN A 310 -15.00 -14.80 -4.11
N ILE A 311 -16.11 -14.36 -3.53
CA ILE A 311 -15.99 -13.38 -2.42
C ILE A 311 -15.71 -14.06 -1.07
N SER A 312 -14.72 -13.53 -0.33
CA SER A 312 -14.44 -13.91 1.06
CA SER A 312 -14.54 -13.93 1.06
C SER A 312 -14.86 -12.75 1.97
N TYR A 313 -15.30 -13.07 3.19
CA TYR A 313 -15.76 -12.05 4.11
C TYR A 313 -14.88 -11.96 5.33
N VAL A 314 -14.73 -10.71 5.78
CA VAL A 314 -13.99 -10.35 6.99
C VAL A 314 -14.96 -9.58 7.92
N LYS A 315 -14.59 -9.53 9.19
CA LYS A 315 -15.33 -8.76 10.19
C LYS A 315 -14.38 -7.75 10.74
N THR A 316 -14.90 -6.64 11.24
CA THR A 316 -14.04 -5.50 11.60
C THR A 316 -12.98 -5.81 12.66
N LYS A 317 -11.73 -5.44 12.34
CA LYS A 317 -10.53 -5.63 13.20
C LYS A 317 -10.60 -4.78 14.46
#